data_5YGX
#
_entry.id   5YGX
#
_cell.length_a   101.550
_cell.length_b   101.550
_cell.length_c   170.811
_cell.angle_alpha   90.000
_cell.angle_beta   90.000
_cell.angle_gamma   120.000
#
_symmetry.space_group_name_H-M   'P 61 2 2'
#
loop_
_entity.id
_entity.type
_entity.pdbx_description
1 polymer 'Beta-secretase 1'
2 non-polymer 'IODIDE ION'
3 non-polymer GLYCEROL
4 non-polymer 'DIMETHYL SULFOXIDE'
5 non-polymer ~{N}-[3-[(4~{R},5~{R},6~{S})-2-azanyl-6-[1,1-bis(fluoranyl)ethyl]-5-fluoranyl-4-methyl-5,6-dihydro-1,3-oxazin-4-yl]-4-fluoranyl-phenyl]-5-(fluoranylmethoxy)pyrazine-2-carboxamide
6 water water
#
_entity_poly.entity_id   1
_entity_poly.type   'polypeptide(L)'
_entity_poly.pdbx_seq_one_letter_code
;GSHMLPRETDEEPEEPGRRGSFVEMVDNLRGKSGQGYYVEMTVGSPPQTLNILVDTGSSNFAVGAAPHPFLHRYYQRQLS
STYRDLRKGVYVPYTQGKWEGELGTDLVSIPHGPNVTVRANIAAITESDKFFINGSNWEGILGLAYAEIARPDDSLEPFF
DSLVKQTHVPNLFSLQLCGAGFPLNQSEVLASVGGSMIIGGIDHSLYTGSLWYTPIRREWYYEVIIVRVEINGQDLKMDC
KEYNYDKSIVDSGTTNLRLPKKVFEAAVKSIKAASSTEKFPDGFWLGEQLVCWQAGTTPWNIFPVISLYLMGEVTNQSFR
ITILPQQYLRPVEDVATSQDDCYKFAISQSSTGTVMGAVIMEGFYVVFDRARKRIGFAVSACHVHDEFRTAAVEGPFVTL
DMEDCGYNIPQTDEST
;
_entity_poly.pdbx_strand_id   A
#
loop_
_chem_comp.id
_chem_comp.type
_chem_comp.name
_chem_comp.formula
0B5 non-polymer ~{N}-[3-[(4~{R},5~{R},6~{S})-2-azanyl-6-[1,1-bis(fluoranyl)ethyl]-5-fluoranyl-4-methyl-5,6-dihydro-1,3-oxazin-4-yl]-4-fluoranyl-phenyl]-5-(fluoranylmethoxy)pyrazine-2-carboxamide 'C19 H18 F5 N5 O3'
DMS non-polymer 'DIMETHYL SULFOXIDE' 'C2 H6 O S'
GOL non-polymer GLYCEROL 'C3 H8 O3'
IOD non-polymer 'IODIDE ION' 'I -1'
#
# COMPACT_ATOMS: atom_id res chain seq x y z
N GLY A 20 -10.96 -0.03 20.16
CA GLY A 20 -9.51 -0.18 20.51
C GLY A 20 -8.95 -1.60 20.55
N SER A 21 -9.85 -2.59 20.47
CA SER A 21 -9.51 -4.02 20.50
C SER A 21 -10.48 -4.82 19.60
N PHE A 22 -10.02 -5.09 18.38
CA PHE A 22 -10.84 -5.74 17.35
C PHE A 22 -10.27 -7.13 17.02
N VAL A 23 -10.19 -7.97 18.06
CA VAL A 23 -9.54 -9.29 18.04
C VAL A 23 -9.91 -10.17 16.84
N GLU A 24 -11.18 -10.11 16.41
CA GLU A 24 -11.70 -10.87 15.26
C GLU A 24 -10.99 -10.54 13.94
N MET A 25 -10.55 -9.27 13.81
CA MET A 25 -9.91 -8.76 12.59
C MET A 25 -8.39 -8.82 12.57
N VAL A 26 -7.78 -9.08 13.73
CA VAL A 26 -6.33 -9.25 13.82
C VAL A 26 -5.92 -10.45 12.96
N ASP A 27 -4.84 -10.25 12.18
CA ASP A 27 -4.27 -11.31 11.36
C ASP A 27 -5.20 -11.78 10.21
N ASN A 28 -6.14 -10.93 9.79
CA ASN A 28 -7.03 -11.26 8.67
C ASN A 28 -6.41 -11.02 7.29
N LEU A 29 -5.12 -10.64 7.24
CA LEU A 29 -4.44 -10.47 5.96
C LEU A 29 -3.45 -11.57 5.71
N ARG A 30 -3.37 -11.99 4.44
CA ARG A 30 -2.36 -12.95 4.02
C ARG A 30 -1.72 -12.47 2.71
N GLY A 31 -0.61 -13.11 2.35
CA GLY A 31 0.00 -12.87 1.06
C GLY A 31 1.31 -13.58 0.89
N LYS A 32 2.00 -13.25 -0.20
CA LYS A 32 3.35 -13.73 -0.47
C LYS A 32 4.19 -12.51 -0.83
N SER A 33 5.49 -12.55 -0.51
CA SER A 33 6.41 -11.46 -0.82
C SER A 33 6.25 -11.03 -2.27
N GLY A 34 6.07 -9.73 -2.46
CA GLY A 34 5.96 -9.14 -3.78
C GLY A 34 4.65 -9.39 -4.49
N GLN A 35 3.67 -9.98 -3.80
CA GLN A 35 2.36 -10.29 -4.42
C GLN A 35 1.17 -9.62 -3.72
N GLY A 36 1.47 -8.82 -2.68
CA GLY A 36 0.46 -8.03 -2.00
C GLY A 36 -0.23 -8.70 -0.84
N TYR A 37 -1.17 -7.98 -0.24
CA TYR A 37 -1.84 -8.41 0.97
C TYR A 37 -3.30 -8.51 0.64
N TYR A 38 -3.88 -9.67 0.88
CA TYR A 38 -5.28 -9.89 0.58
C TYR A 38 -6.09 -10.26 1.81
N VAL A 39 -7.39 -9.98 1.72
CA VAL A 39 -8.35 -10.26 2.77
C VAL A 39 -9.42 -11.18 2.16
N GLU A 40 -9.98 -12.07 2.97
CA GLU A 40 -11.06 -12.91 2.52
C GLU A 40 -12.34 -12.12 2.49
N MET A 41 -13.08 -12.25 1.39
CA MET A 41 -14.39 -11.62 1.25
C MET A 41 -15.41 -12.63 0.71
N THR A 42 -16.69 -12.33 0.89
CA THR A 42 -17.73 -13.10 0.23
C THR A 42 -18.59 -12.18 -0.58
N VAL A 43 -19.05 -12.69 -1.71
CA VAL A 43 -19.93 -11.98 -2.62
C VAL A 43 -21.09 -12.90 -2.98
N GLY A 44 -22.29 -12.31 -3.06
CA GLY A 44 -23.47 -13.00 -3.55
C GLY A 44 -24.15 -13.87 -2.52
N SER A 45 -25.32 -14.39 -2.89
CA SER A 45 -26.14 -15.25 -2.03
C SER A 45 -26.50 -16.52 -2.82
N PRO A 46 -26.07 -17.71 -2.36
CA PRO A 46 -25.26 -17.90 -1.14
C PRO A 46 -23.83 -17.34 -1.29
N PRO A 47 -23.11 -17.10 -0.17
CA PRO A 47 -21.80 -16.41 -0.25
C PRO A 47 -20.73 -17.19 -1.02
N GLN A 48 -20.10 -16.51 -1.98
CA GLN A 48 -18.94 -17.07 -2.69
C GLN A 48 -17.69 -16.42 -2.12
N THR A 49 -16.78 -17.26 -1.64
CA THR A 49 -15.53 -16.82 -1.02
C THR A 49 -14.45 -16.46 -2.04
N LEU A 50 -13.83 -15.29 -1.84
CA LEU A 50 -12.75 -14.83 -2.71
C LEU A 50 -11.66 -14.15 -1.90
N ASN A 51 -10.41 -14.31 -2.35
CA ASN A 51 -9.28 -13.55 -1.75
C ASN A 51 -9.05 -12.28 -2.53
N ILE A 52 -9.02 -11.15 -1.80
CA ILE A 52 -9.10 -9.83 -2.45
C ILE A 52 -7.96 -8.94 -1.98
N LEU A 53 -7.17 -8.47 -2.93
CA LEU A 53 -6.05 -7.58 -2.68
C LEU A 53 -6.54 -6.26 -2.05
N VAL A 54 -5.94 -5.89 -0.93
CA VAL A 54 -6.25 -4.65 -0.24
C VAL A 54 -5.46 -3.52 -0.90
N ASP A 55 -6.16 -2.59 -1.54
CA ASP A 55 -5.51 -1.60 -2.39
C ASP A 55 -5.98 -0.17 -2.10
N THR A 56 -5.18 0.58 -1.35
CA THR A 56 -5.53 1.97 -1.03
C THR A 56 -5.19 2.94 -2.17
N GLY A 57 -4.62 2.41 -3.25
CA GLY A 57 -4.29 3.22 -4.43
C GLY A 57 -5.26 3.16 -5.60
N SER A 58 -6.46 2.60 -5.39
CA SER A 58 -7.49 2.55 -6.44
C SER A 58 -8.85 2.55 -5.75
N SER A 59 -9.94 2.63 -6.52
CA SER A 59 -11.27 2.85 -5.95
C SER A 59 -12.39 1.93 -6.45
N ASN A 60 -12.05 0.93 -7.26
CA ASN A 60 -13.02 -0.08 -7.71
C ASN A 60 -12.89 -1.37 -6.92
N PHE A 61 -14.04 -1.97 -6.61
CA PHE A 61 -14.09 -3.39 -6.20
C PHE A 61 -14.28 -4.20 -7.48
N ALA A 62 -13.21 -4.88 -7.88
CA ALA A 62 -13.13 -5.56 -9.17
C ALA A 62 -12.63 -6.97 -8.94
N VAL A 63 -13.41 -7.94 -9.40
CA VAL A 63 -13.14 -9.36 -9.12
C VAL A 63 -13.16 -10.17 -10.40
N GLY A 64 -12.23 -11.10 -10.51
CA GLY A 64 -12.24 -12.09 -11.59
C GLY A 64 -13.61 -12.76 -11.61
N ALA A 65 -14.21 -12.84 -12.81
CA ALA A 65 -15.56 -13.39 -13.01
C ALA A 65 -15.63 -14.41 -14.14
N ALA A 66 -14.46 -14.82 -14.62
CA ALA A 66 -14.33 -15.80 -15.69
C ALA A 66 -13.10 -16.66 -15.42
N PRO A 67 -13.09 -17.91 -15.94
CA PRO A 67 -11.99 -18.86 -15.66
C PRO A 67 -10.64 -18.56 -16.35
N HIS A 68 -10.05 -17.42 -16.05
CA HIS A 68 -8.64 -17.18 -16.34
C HIS A 68 -7.83 -18.30 -15.64
N PRO A 69 -6.91 -18.97 -16.37
CA PRO A 69 -6.17 -20.12 -15.79
C PRO A 69 -5.31 -19.80 -14.55
N PHE A 70 -4.91 -18.55 -14.35
CA PHE A 70 -4.18 -18.15 -13.12
C PHE A 70 -5.08 -18.11 -11.87
N LEU A 71 -6.40 -18.16 -12.05
CA LEU A 71 -7.33 -17.90 -10.94
C LEU A 71 -7.69 -19.16 -10.20
N HIS A 72 -7.52 -19.14 -8.88
CA HIS A 72 -8.02 -20.21 -8.00
C HIS A 72 -9.53 -20.33 -8.05
N ARG A 73 -10.20 -19.19 -8.22
CA ARG A 73 -11.65 -19.11 -8.22
C ARG A 73 -12.07 -17.75 -8.76
N TYR A 74 -13.38 -17.55 -8.91
CA TYR A 74 -13.92 -16.37 -9.60
C TYR A 74 -15.39 -16.27 -9.30
N TYR A 75 -15.90 -15.05 -9.40
CA TYR A 75 -17.28 -14.71 -9.09
C TYR A 75 -18.17 -15.28 -10.19
N GLN A 76 -19.14 -16.10 -9.79
CA GLN A 76 -20.09 -16.73 -10.73
C GLN A 76 -21.45 -16.11 -10.46
N ARG A 77 -21.72 -15.07 -11.25
CA ARG A 77 -22.91 -14.24 -11.09
C ARG A 77 -24.23 -15.03 -11.21
N GLN A 78 -24.23 -16.03 -12.10
CA GLN A 78 -25.39 -16.91 -12.30
C GLN A 78 -25.81 -17.64 -11.01
N LEU A 79 -24.88 -17.82 -10.08
CA LEU A 79 -25.14 -18.55 -8.82
C LEU A 79 -25.72 -17.67 -7.70
N SER A 80 -25.77 -16.37 -7.93
CA SER A 80 -26.16 -15.43 -6.89
C SER A 80 -27.56 -14.92 -7.15
N SER A 81 -28.47 -15.12 -6.19
CA SER A 81 -29.85 -14.62 -6.29
C SER A 81 -29.97 -13.13 -6.01
N THR A 82 -28.95 -12.54 -5.39
CA THR A 82 -28.98 -11.11 -5.03
C THR A 82 -28.25 -10.21 -6.03
N TYR A 83 -27.67 -10.82 -7.05
CA TYR A 83 -26.97 -10.07 -8.11
C TYR A 83 -27.93 -9.18 -8.90
N ARG A 84 -27.53 -7.92 -9.10
CA ARG A 84 -28.25 -6.99 -9.96
C ARG A 84 -27.29 -6.40 -10.99
N ASP A 85 -27.70 -6.43 -12.24
CA ASP A 85 -26.93 -5.96 -13.38
C ASP A 85 -27.14 -4.46 -13.52
N LEU A 86 -26.05 -3.74 -13.77
CA LEU A 86 -26.12 -2.30 -14.02
C LEU A 86 -26.07 -1.97 -15.51
N ARG A 87 -25.98 -3.01 -16.34
CA ARG A 87 -25.97 -2.91 -17.82
C ARG A 87 -24.97 -1.86 -18.33
N LYS A 88 -23.75 -1.93 -17.80
CA LYS A 88 -22.69 -0.98 -18.09
C LYS A 88 -21.35 -1.73 -17.95
N GLY A 89 -20.48 -1.52 -18.92
CA GLY A 89 -19.15 -2.07 -18.88
C GLY A 89 -18.17 -1.02 -18.44
N VAL A 90 -16.93 -1.44 -18.20
CA VAL A 90 -15.86 -0.54 -17.78
C VAL A 90 -14.55 -1.12 -18.32
N TYR A 91 -13.74 -0.28 -18.98
CA TYR A 91 -12.44 -0.68 -19.51
C TYR A 91 -11.35 0.12 -18.77
N VAL A 92 -10.45 -0.60 -18.09
CA VAL A 92 -9.46 -0.01 -17.20
C VAL A 92 -8.03 -0.32 -17.66
N PRO A 93 -7.41 0.59 -18.45
CA PRO A 93 -6.01 0.40 -18.80
C PRO A 93 -5.06 0.99 -17.74
N TYR A 94 -3.95 0.30 -17.50
CA TYR A 94 -2.84 0.79 -16.67
C TYR A 94 -1.61 1.00 -17.55
N THR A 95 -0.51 1.45 -16.93
CA THR A 95 0.80 1.57 -17.61
C THR A 95 1.29 0.19 -18.08
N GLN A 96 1.27 -0.78 -17.16
CA GLN A 96 1.61 -2.17 -17.49
C GLN A 96 0.41 -2.90 -18.11
N GLY A 97 -0.62 -3.18 -17.29
CA GLY A 97 -1.73 -4.04 -17.72
C GLY A 97 -3.07 -3.40 -18.08
N LYS A 98 -4.10 -4.24 -18.12
CA LYS A 98 -5.48 -3.81 -18.28
C LYS A 98 -6.47 -4.81 -17.71
N TRP A 99 -7.64 -4.32 -17.33
CA TRP A 99 -8.81 -5.19 -17.14
C TRP A 99 -10.07 -4.56 -17.70
N GLU A 100 -11.00 -5.41 -18.09
CA GLU A 100 -12.30 -5.01 -18.58
C GLU A 100 -13.35 -5.80 -17.81
N GLY A 101 -14.44 -5.13 -17.44
CA GLY A 101 -15.45 -5.76 -16.61
C GLY A 101 -16.86 -5.30 -16.87
N GLU A 102 -17.81 -6.02 -16.28
CA GLU A 102 -19.22 -5.67 -16.36
C GLU A 102 -19.67 -5.27 -14.96
N LEU A 103 -20.33 -4.12 -14.87
CA LEU A 103 -20.78 -3.55 -13.59
C LEU A 103 -22.09 -4.14 -13.11
N GLY A 104 -22.17 -4.34 -11.81
CA GLY A 104 -23.35 -4.84 -11.13
C GLY A 104 -23.23 -4.51 -9.66
N THR A 105 -24.26 -4.85 -8.90
CA THR A 105 -24.20 -4.81 -7.45
C THR A 105 -24.54 -6.18 -6.92
N ASP A 106 -24.04 -6.47 -5.73
CA ASP A 106 -24.39 -7.68 -5.00
C ASP A 106 -24.09 -7.48 -3.53
N LEU A 107 -24.53 -8.44 -2.72
CA LEU A 107 -24.27 -8.42 -1.29
C LEU A 107 -22.85 -8.90 -1.02
N VAL A 108 -22.16 -8.14 -0.17
CA VAL A 108 -20.74 -8.36 0.09
C VAL A 108 -20.53 -8.36 1.61
N SER A 109 -19.70 -9.28 2.08
CA SER A 109 -19.31 -9.28 3.49
C SER A 109 -17.86 -9.68 3.66
N ILE A 110 -17.31 -9.40 4.84
CA ILE A 110 -15.91 -9.68 5.18
C ILE A 110 -15.93 -10.59 6.41
N PRO A 111 -15.76 -11.92 6.19
CA PRO A 111 -15.86 -12.90 7.26
C PRO A 111 -15.05 -12.51 8.51
N HIS A 112 -13.80 -12.10 8.32
CA HIS A 112 -12.96 -11.68 9.44
C HIS A 112 -12.90 -10.15 9.55
N GLY A 113 -14.07 -9.54 9.43
CA GLY A 113 -14.25 -8.09 9.48
C GLY A 113 -15.51 -7.83 10.28
N PRO A 114 -16.16 -6.66 10.08
CA PRO A 114 -17.35 -6.37 10.91
C PRO A 114 -18.47 -7.33 10.56
N ASN A 115 -19.37 -7.58 11.51
CA ASN A 115 -20.47 -8.50 11.27
C ASN A 115 -21.63 -7.82 10.52
N VAL A 116 -21.38 -7.51 9.25
CA VAL A 116 -22.34 -6.80 8.39
C VAL A 116 -22.35 -7.34 6.95
N THR A 117 -23.41 -7.00 6.23
CA THR A 117 -23.53 -7.31 4.81
C THR A 117 -24.01 -6.06 4.08
N VAL A 118 -23.28 -5.66 3.05
CA VAL A 118 -23.62 -4.45 2.30
C VAL A 118 -23.85 -4.76 0.82
N ARG A 119 -24.67 -3.94 0.17
CA ARG A 119 -24.85 -4.03 -1.26
C ARG A 119 -23.80 -3.12 -1.87
N ALA A 120 -22.87 -3.72 -2.61
CA ALA A 120 -21.75 -2.97 -3.16
C ALA A 120 -21.69 -3.11 -4.67
N ASN A 121 -21.16 -2.08 -5.32
CA ASN A 121 -20.74 -2.18 -6.71
C ASN A 121 -19.65 -3.21 -6.86
N ILE A 122 -19.78 -4.04 -7.90
CA ILE A 122 -18.76 -5.01 -8.28
C ILE A 122 -18.54 -4.94 -9.79
N ALA A 123 -17.27 -4.78 -10.17
CA ALA A 123 -16.87 -4.92 -11.54
C ALA A 123 -16.48 -6.38 -11.75
N ALA A 124 -17.33 -7.10 -12.49
CA ALA A 124 -17.10 -8.50 -12.81
C ALA A 124 -16.11 -8.57 -13.97
N ILE A 125 -14.85 -8.91 -13.65
CA ILE A 125 -13.77 -8.90 -14.65
C ILE A 125 -13.91 -10.08 -15.62
N THR A 126 -13.97 -9.74 -16.91
CA THR A 126 -14.32 -10.65 -17.99
C THR A 126 -13.17 -10.79 -19.01
N GLU A 127 -12.19 -9.88 -18.93
CA GLU A 127 -10.96 -9.92 -19.75
C GLU A 127 -9.90 -9.08 -19.06
N SER A 128 -8.67 -9.55 -19.06
CA SER A 128 -7.56 -8.83 -18.44
C SER A 128 -6.22 -9.18 -19.07
N ASP A 129 -5.24 -8.30 -18.87
CA ASP A 129 -3.89 -8.56 -19.34
C ASP A 129 -2.88 -7.97 -18.36
N LYS A 130 -1.89 -8.79 -17.97
CA LYS A 130 -0.82 -8.40 -17.01
C LYS A 130 -1.36 -7.79 -15.71
N PHE A 131 -2.48 -8.35 -15.25
CA PHE A 131 -3.24 -7.86 -14.11
C PHE A 131 -3.15 -8.87 -12.96
N PHE A 132 -3.67 -10.07 -13.19
CA PHE A 132 -3.57 -11.16 -12.22
C PHE A 132 -2.13 -11.67 -12.22
N ILE A 133 -1.65 -12.09 -11.06
CA ILE A 133 -0.30 -12.61 -10.94
C ILE A 133 -0.36 -14.12 -10.98
N ASN A 134 0.36 -14.67 -11.95
CA ASN A 134 0.56 -16.10 -12.06
C ASN A 134 1.24 -16.64 -10.81
N GLY A 135 0.52 -17.48 -10.07
CA GLY A 135 1.04 -18.06 -8.83
C GLY A 135 0.56 -17.37 -7.56
N SER A 136 -0.21 -16.28 -7.69
CA SER A 136 -0.75 -15.58 -6.54
C SER A 136 -2.04 -16.24 -6.08
N ASN A 137 -2.46 -15.90 -4.86
CA ASN A 137 -3.66 -16.51 -4.27
C ASN A 137 -4.83 -15.54 -4.11
N TRP A 138 -4.83 -14.47 -4.92
CA TRP A 138 -5.98 -13.54 -4.95
C TRP A 138 -6.61 -13.40 -6.33
N GLU A 139 -7.89 -13.05 -6.32
CA GLU A 139 -8.77 -13.11 -7.51
C GLU A 139 -9.49 -11.79 -7.76
N GLY A 140 -9.23 -10.80 -6.91
CA GLY A 140 -9.80 -9.50 -7.09
C GLY A 140 -9.08 -8.43 -6.31
N ILE A 141 -9.55 -7.19 -6.46
CA ILE A 141 -8.90 -6.03 -5.85
C ILE A 141 -9.97 -5.20 -5.15
N LEU A 142 -9.65 -4.79 -3.92
CA LEU A 142 -10.53 -3.93 -3.14
C LEU A 142 -9.94 -2.55 -3.14
N GLY A 143 -10.51 -1.70 -3.98
CA GLY A 143 -10.06 -0.33 -4.09
C GLY A 143 -10.65 0.47 -2.94
N LEU A 144 -9.77 0.99 -2.08
CA LEU A 144 -10.17 1.65 -0.84
C LEU A 144 -10.12 3.17 -0.89
N ALA A 145 -9.65 3.69 -2.02
CA ALA A 145 -9.54 5.14 -2.20
C ALA A 145 -10.90 5.70 -2.60
N TYR A 146 -10.93 6.97 -2.99
CA TYR A 146 -12.20 7.71 -3.08
C TYR A 146 -12.81 7.68 -4.47
N ALA A 147 -14.10 8.05 -4.53
CA ALA A 147 -14.90 8.06 -5.77
C ALA A 147 -14.31 8.86 -6.94
N GLU A 148 -13.61 9.97 -6.65
CA GLU A 148 -12.99 10.78 -7.72
C GLU A 148 -12.15 9.98 -8.75
N ILE A 149 -11.51 8.89 -8.31
CA ILE A 149 -10.69 8.06 -9.22
C ILE A 149 -11.33 6.70 -9.54
N ALA A 150 -12.61 6.54 -9.22
CA ALA A 150 -13.37 5.33 -9.58
C ALA A 150 -13.59 5.27 -11.09
N ARG A 151 -13.58 4.06 -11.65
CA ARG A 151 -13.84 3.88 -13.09
C ARG A 151 -15.23 3.27 -13.25
N PRO A 152 -16.08 3.79 -14.16
CA PRO A 152 -15.72 4.79 -15.19
C PRO A 152 -15.71 6.26 -14.73
N ASP A 153 -16.46 6.57 -13.68
CA ASP A 153 -16.57 7.94 -13.16
C ASP A 153 -16.89 7.93 -11.67
N ASP A 154 -17.02 9.12 -11.07
CA ASP A 154 -17.25 9.24 -9.63
C ASP A 154 -18.65 8.91 -9.12
N SER A 155 -19.56 8.53 -10.02
CA SER A 155 -20.89 8.05 -9.63
C SER A 155 -20.87 6.57 -9.20
N LEU A 156 -19.80 5.84 -9.53
CA LEU A 156 -19.66 4.47 -9.06
C LEU A 156 -19.09 4.46 -7.63
N GLU A 157 -20.01 4.37 -6.67
CA GLU A 157 -19.70 4.44 -5.25
C GLU A 157 -18.72 3.32 -4.84
N PRO A 158 -17.54 3.68 -4.28
CA PRO A 158 -16.59 2.66 -3.82
C PRO A 158 -17.14 1.83 -2.67
N PHE A 159 -16.56 0.64 -2.47
CA PHE A 159 -17.00 -0.27 -1.43
C PHE A 159 -17.08 0.36 -0.04
N PHE A 160 -16.02 1.06 0.36
CA PHE A 160 -15.96 1.55 1.74
C PHE A 160 -17.02 2.64 1.99
N ASP A 161 -17.26 3.46 1.00
CA ASP A 161 -18.38 4.44 1.03
C ASP A 161 -19.75 3.77 1.23
N SER A 162 -19.99 2.64 0.54
CA SER A 162 -21.24 1.90 0.71
C SER A 162 -21.34 1.29 2.08
N LEU A 163 -20.20 0.81 2.58
CA LEU A 163 -20.15 0.15 3.88
C LEU A 163 -20.56 1.14 5.00
N VAL A 164 -20.02 2.36 4.92
CA VAL A 164 -20.26 3.41 5.91
C VAL A 164 -21.70 3.94 5.78
N LYS A 165 -22.15 4.19 4.54
CA LYS A 165 -23.52 4.63 4.28
C LYS A 165 -24.57 3.64 4.82
N GLN A 166 -24.34 2.35 4.60
CA GLN A 166 -25.38 1.34 4.88
C GLN A 166 -25.35 0.75 6.29
N THR A 167 -24.26 0.96 7.02
CA THR A 167 -24.10 0.37 8.37
C THR A 167 -23.73 1.43 9.37
N HIS A 168 -23.44 1.00 10.60
CA HIS A 168 -22.92 1.87 11.64
C HIS A 168 -21.41 1.72 11.84
N VAL A 169 -20.72 1.10 10.87
CA VAL A 169 -19.24 0.95 10.92
C VAL A 169 -18.62 2.34 10.79
N PRO A 170 -17.79 2.76 11.77
CA PRO A 170 -17.19 4.12 11.71
C PRO A 170 -16.37 4.36 10.43
N ASN A 171 -16.27 5.62 10.00
CA ASN A 171 -15.60 5.94 8.75
C ASN A 171 -14.06 5.98 8.88
N LEU A 172 -13.47 4.81 9.16
CA LEU A 172 -12.01 4.63 9.14
C LEU A 172 -11.63 3.16 9.04
N PHE A 173 -10.42 2.91 8.55
CA PHE A 173 -9.82 1.60 8.61
C PHE A 173 -8.34 1.79 8.85
N SER A 174 -7.70 0.75 9.34
CA SER A 174 -6.28 0.81 9.57
C SER A 174 -5.62 -0.43 9.02
N LEU A 175 -4.37 -0.27 8.61
CA LEU A 175 -3.61 -1.34 8.01
C LEU A 175 -2.29 -1.58 8.71
N GLN A 176 -2.07 -2.84 9.09
CA GLN A 176 -0.76 -3.29 9.53
C GLN A 176 -0.30 -4.35 8.54
N LEU A 177 0.65 -3.95 7.70
CA LEU A 177 1.20 -4.83 6.68
C LEU A 177 2.54 -5.38 7.19
N CYS A 178 2.61 -6.71 7.34
CA CYS A 178 3.79 -7.36 7.94
C CYS A 178 4.58 -8.13 6.88
N GLY A 179 5.75 -7.61 6.53
CA GLY A 179 6.61 -8.23 5.53
C GLY A 179 7.44 -9.35 6.11
N ALA A 180 8.38 -9.88 5.33
CA ALA A 180 9.33 -10.88 5.83
C ALA A 180 10.72 -10.71 5.19
N VAL A 189 10.04 -21.65 -2.70
CA VAL A 189 9.03 -21.09 -1.81
C VAL A 189 9.15 -19.55 -1.74
N LEU A 190 8.03 -18.86 -1.95
CA LEU A 190 7.88 -17.45 -1.60
C LEU A 190 7.36 -17.38 -0.16
N ALA A 191 8.05 -16.62 0.68
CA ALA A 191 7.70 -16.50 2.11
C ALA A 191 6.34 -15.82 2.31
N SER A 192 5.65 -16.22 3.36
CA SER A 192 4.33 -15.71 3.67
C SER A 192 4.43 -14.38 4.38
N VAL A 193 3.57 -13.45 3.96
CA VAL A 193 3.41 -12.20 4.68
C VAL A 193 2.02 -12.24 5.31
N GLY A 194 1.73 -11.26 6.15
CA GLY A 194 0.43 -11.18 6.80
C GLY A 194 0.20 -9.80 7.36
N GLY A 195 -0.79 -9.69 8.21
CA GLY A 195 -1.10 -8.43 8.83
C GLY A 195 -2.56 -8.33 9.13
N SER A 196 -3.01 -7.11 9.41
CA SER A 196 -4.37 -6.85 9.83
C SER A 196 -4.95 -5.69 9.07
N MET A 197 -6.23 -5.85 8.69
CA MET A 197 -7.03 -4.75 8.25
C MET A 197 -8.15 -4.58 9.25
N ILE A 198 -8.05 -3.53 10.06
CA ILE A 198 -9.04 -3.23 11.08
C ILE A 198 -10.04 -2.26 10.46
N ILE A 199 -11.24 -2.76 10.22
CA ILE A 199 -12.30 -2.02 9.56
C ILE A 199 -13.13 -1.33 10.63
N GLY A 200 -13.26 -0.02 10.52
CA GLY A 200 -14.06 0.79 11.46
C GLY A 200 -13.36 1.17 12.76
N GLY A 201 -12.05 0.94 12.83
CA GLY A 201 -11.34 1.18 14.08
C GLY A 201 -9.84 0.96 14.09
N ILE A 202 -9.31 1.01 15.29
CA ILE A 202 -7.89 0.95 15.55
C ILE A 202 -7.68 -0.13 16.61
N ASP A 203 -6.67 -0.97 16.42
CA ASP A 203 -6.29 -1.94 17.44
C ASP A 203 -4.95 -1.57 18.02
N HIS A 204 -4.94 -1.18 19.29
CA HIS A 204 -3.76 -0.59 19.93
C HIS A 204 -2.61 -1.55 20.14
N SER A 205 -2.86 -2.86 20.04
CA SER A 205 -1.78 -3.84 20.14
C SER A 205 -0.93 -3.92 18.86
N LEU A 206 -1.39 -3.28 17.79
CA LEU A 206 -0.71 -3.39 16.49
C LEU A 206 0.47 -2.43 16.31
N TYR A 207 0.60 -1.47 17.23
CA TYR A 207 1.69 -0.48 17.18
C TYR A 207 2.27 -0.19 18.56
N THR A 208 3.44 0.43 18.57
CA THR A 208 4.04 0.99 19.78
C THR A 208 4.15 2.52 19.66
N GLY A 209 4.27 3.18 20.80
CA GLY A 209 4.38 4.63 20.87
C GLY A 209 3.09 5.31 20.44
N SER A 210 3.23 6.51 19.88
CA SER A 210 2.05 7.28 19.53
C SER A 210 1.78 7.26 18.02
N LEU A 211 0.50 7.37 17.66
CA LEU A 211 0.14 7.71 16.31
C LEU A 211 0.41 9.19 16.03
N TRP A 212 0.92 9.49 14.85
CA TRP A 212 1.07 10.87 14.36
C TRP A 212 0.32 10.99 13.04
N TYR A 213 -0.45 12.07 12.93
CA TYR A 213 -1.37 12.27 11.80
C TYR A 213 -0.91 13.31 10.79
N THR A 214 -1.09 12.99 9.51
CA THR A 214 -0.84 13.90 8.39
C THR A 214 -2.18 14.14 7.68
N PRO A 215 -2.48 15.39 7.24
CA PRO A 215 -3.75 15.64 6.55
C PRO A 215 -3.86 14.90 5.22
N ILE A 216 -5.05 14.36 4.94
CA ILE A 216 -5.38 13.93 3.59
C ILE A 216 -5.61 15.24 2.84
N ARG A 217 -4.70 15.56 1.92
CA ARG A 217 -4.76 16.82 1.18
C ARG A 217 -6.02 16.92 0.34
N ARG A 218 -6.40 15.81 -0.28
CA ARG A 218 -7.58 15.77 -1.11
C ARG A 218 -8.03 14.34 -1.22
N GLU A 219 -9.34 14.17 -1.23
CA GLU A 219 -9.96 12.87 -1.24
C GLU A 219 -10.15 12.32 -2.66
N TRP A 220 -9.07 11.75 -3.20
CA TRP A 220 -9.11 11.06 -4.49
C TRP A 220 -8.25 9.82 -4.31
N TYR A 221 -6.94 9.94 -4.50
CA TYR A 221 -5.99 9.03 -3.84
C TYR A 221 -5.92 9.40 -2.36
N TYR A 222 -5.22 8.60 -1.56
CA TYR A 222 -4.87 9.04 -0.21
C TYR A 222 -3.67 9.96 -0.31
N GLU A 223 -3.95 11.21 -0.71
CA GLU A 223 -2.88 12.18 -0.97
C GLU A 223 -2.37 12.84 0.30
N VAL A 224 -1.05 12.95 0.39
CA VAL A 224 -0.37 13.55 1.55
C VAL A 224 0.75 14.48 1.04
N ILE A 225 1.37 15.22 1.95
CA ILE A 225 2.44 16.14 1.56
C ILE A 225 3.71 15.81 2.34
N ILE A 226 4.76 15.49 1.60
CA ILE A 226 6.11 15.30 2.16
C ILE A 226 6.78 16.65 2.16
N VAL A 227 7.44 16.91 3.27
CA VAL A 227 7.82 18.23 3.68
C VAL A 227 9.35 18.34 3.78
N ARG A 228 9.99 17.20 4.03
CA ARG A 228 11.43 17.11 4.16
C ARG A 228 11.83 15.63 3.97
N VAL A 229 12.99 15.41 3.35
CA VAL A 229 13.57 14.08 3.21
C VAL A 229 14.98 14.06 3.78
N GLU A 230 15.29 13.03 4.54
CA GLU A 230 16.63 12.83 5.10
C GLU A 230 17.12 11.42 4.82
N ILE A 231 18.40 11.31 4.47
CA ILE A 231 19.10 10.05 4.38
C ILE A 231 20.12 10.02 5.51
N ASN A 232 20.00 9.05 6.41
CA ASN A 232 20.80 8.99 7.63
C ASN A 232 20.89 10.31 8.42
N GLY A 233 19.74 11.00 8.52
CA GLY A 233 19.67 12.29 9.17
C GLY A 233 20.18 13.45 8.33
N GLN A 234 20.67 13.18 7.13
CA GLN A 234 21.21 14.25 6.27
C GLN A 234 20.14 14.72 5.27
N ASP A 235 19.72 15.97 5.44
CA ASP A 235 18.71 16.58 4.60
C ASP A 235 19.13 16.54 3.12
N LEU A 236 18.18 16.23 2.23
CA LEU A 236 18.45 16.27 0.79
C LEU A 236 18.50 17.70 0.24
N LYS A 237 17.97 18.65 1.00
CA LYS A 237 18.03 20.10 0.71
C LYS A 237 17.38 20.51 -0.62
N MET A 238 16.44 19.70 -1.10
CA MET A 238 15.68 20.02 -2.30
C MET A 238 14.51 20.95 -1.97
N ASP A 239 14.06 21.71 -2.97
CA ASP A 239 12.79 22.40 -2.90
C ASP A 239 11.70 21.34 -2.67
N CYS A 240 10.99 21.44 -1.54
CA CYS A 240 10.07 20.40 -1.08
C CYS A 240 8.90 20.08 -2.02
N LYS A 241 8.64 20.99 -2.96
CA LYS A 241 7.66 20.80 -4.02
C LYS A 241 8.04 19.62 -4.94
N GLU A 242 9.35 19.42 -5.14
CA GLU A 242 9.87 18.27 -5.88
C GLU A 242 9.45 16.93 -5.27
N TYR A 243 9.37 16.87 -3.93
CA TYR A 243 8.95 15.66 -3.19
C TYR A 243 7.50 15.25 -3.48
N ASN A 244 6.71 16.20 -3.95
CA ASN A 244 5.30 15.98 -4.20
C ASN A 244 4.90 16.34 -5.64
N TYR A 245 5.85 16.20 -6.57
CA TYR A 245 5.61 16.49 -7.99
C TYR A 245 5.20 15.16 -8.69
N ASP A 246 3.94 14.99 -9.08
CA ASP A 246 2.84 15.96 -8.97
C ASP A 246 1.91 15.64 -7.81
N LYS A 247 2.20 14.56 -7.08
CA LYS A 247 1.46 14.18 -5.87
C LYS A 247 2.29 13.19 -5.03
N SER A 248 1.87 13.00 -3.78
CA SER A 248 2.38 11.92 -2.94
C SER A 248 1.17 11.18 -2.40
N ILE A 249 1.22 9.85 -2.49
CA ILE A 249 0.10 9.00 -2.09
C ILE A 249 0.56 7.86 -1.18
N VAL A 250 -0.40 7.33 -0.43
CA VAL A 250 -0.16 6.15 0.39
C VAL A 250 -0.90 5.01 -0.33
N ASP A 251 -0.16 3.98 -0.70
CA ASP A 251 -0.68 2.94 -1.59
C ASP A 251 -0.26 1.52 -1.20
N SER A 252 -1.17 0.78 -0.56
CA SER A 252 -0.91 -0.62 -0.18
C SER A 252 -0.81 -1.54 -1.40
N GLY A 253 -1.24 -1.06 -2.57
CA GLY A 253 -1.21 -1.84 -3.81
C GLY A 253 0.01 -1.62 -4.67
N THR A 254 1.03 -0.94 -4.12
CA THR A 254 2.32 -0.73 -4.76
C THR A 254 3.40 -1.27 -3.83
N THR A 255 4.39 -1.96 -4.40
CA THR A 255 5.47 -2.53 -3.60
C THR A 255 6.50 -1.48 -3.17
N ASN A 256 6.99 -0.71 -4.13
CA ASN A 256 8.12 0.18 -3.90
C ASN A 256 7.80 1.46 -3.14
N LEU A 257 8.84 2.07 -2.59
CA LEU A 257 8.81 3.50 -2.37
C LEU A 257 9.17 4.10 -3.73
N ARG A 258 8.20 4.75 -4.35
CA ARG A 258 8.44 5.37 -5.64
C ARG A 258 8.61 6.87 -5.42
N LEU A 259 9.69 7.41 -6.00
CA LEU A 259 10.06 8.83 -5.84
C LEU A 259 10.14 9.55 -7.19
N PRO A 260 9.75 10.86 -7.23
CA PRO A 260 9.92 11.62 -8.47
C PRO A 260 11.36 11.60 -8.93
N LYS A 261 11.53 11.60 -10.26
CA LYS A 261 12.83 11.36 -10.89
C LYS A 261 14.00 12.10 -10.24
N LYS A 262 13.84 13.42 -10.06
CA LYS A 262 14.87 14.28 -9.48
C LYS A 262 15.17 13.92 -8.02
N VAL A 263 14.12 13.57 -7.27
CA VAL A 263 14.23 13.19 -5.86
C VAL A 263 14.95 11.85 -5.75
N PHE A 264 14.54 10.88 -6.58
CA PHE A 264 15.22 9.60 -6.69
C PHE A 264 16.73 9.76 -6.95
N GLU A 265 17.09 10.61 -7.92
CA GLU A 265 18.50 10.85 -8.25
C GLU A 265 19.28 11.32 -7.03
N ALA A 266 18.76 12.36 -6.36
CA ALA A 266 19.42 12.89 -5.18
C ALA A 266 19.46 11.87 -4.04
N ALA A 267 18.38 11.09 -3.88
CA ALA A 267 18.31 10.08 -2.81
C ALA A 267 19.33 8.97 -3.02
N VAL A 268 19.40 8.45 -4.24
CA VAL A 268 20.35 7.38 -4.58
C VAL A 268 21.81 7.85 -4.43
N LYS A 269 22.11 9.04 -4.95
CA LYS A 269 23.41 9.70 -4.76
C LYS A 269 23.81 9.71 -3.26
N SER A 270 22.89 10.15 -2.41
CA SER A 270 23.11 10.16 -0.98
C SER A 270 23.22 8.75 -0.36
N ILE A 271 22.34 7.82 -0.76
CA ILE A 271 22.41 6.41 -0.29
C ILE A 271 23.72 5.72 -0.73
N LYS A 272 24.16 5.98 -1.97
CA LYS A 272 25.45 5.49 -2.48
C LYS A 272 26.60 5.98 -1.61
N ALA A 273 26.60 7.30 -1.34
CA ALA A 273 27.60 7.93 -0.47
C ALA A 273 27.64 7.31 0.93
N ALA A 274 26.46 7.14 1.54
CA ALA A 274 26.35 6.57 2.90
C ALA A 274 26.81 5.11 3.00
N SER A 275 26.69 4.37 1.89
CA SER A 275 27.08 2.95 1.85
C SER A 275 28.38 2.69 1.06
N SER A 276 29.27 3.68 1.03
CA SER A 276 30.57 3.62 0.34
C SER A 276 31.50 2.45 0.71
N THR A 277 31.34 1.91 1.94
CA THR A 277 32.03 0.70 2.44
C THR A 277 32.10 -0.44 1.40
N GLU A 278 31.01 -0.62 0.65
CA GLU A 278 30.95 -1.56 -0.48
C GLU A 278 30.48 -0.86 -1.76
N LYS A 279 30.98 -1.32 -2.89
CA LYS A 279 30.50 -0.86 -4.21
C LYS A 279 29.53 -1.88 -4.83
N PHE A 280 28.53 -1.35 -5.53
CA PHE A 280 27.54 -2.15 -6.25
C PHE A 280 27.41 -1.58 -7.67
N PRO A 281 27.05 -2.44 -8.65
CA PRO A 281 26.85 -1.93 -10.03
C PRO A 281 25.68 -0.94 -10.15
N ASP A 282 25.76 -0.05 -11.13
CA ASP A 282 24.74 0.97 -11.40
C ASP A 282 23.35 0.38 -11.59
N GLY A 283 23.29 -0.76 -12.28
CA GLY A 283 22.06 -1.51 -12.54
C GLY A 283 21.27 -1.87 -11.29
N PHE A 284 21.97 -2.20 -10.20
CA PHE A 284 21.34 -2.50 -8.90
C PHE A 284 20.46 -1.34 -8.38
N TRP A 285 21.03 -0.13 -8.39
CA TRP A 285 20.33 1.09 -7.93
C TRP A 285 19.13 1.42 -8.82
N LEU A 286 19.18 0.95 -10.06
CA LEU A 286 18.09 1.17 -11.01
C LEU A 286 17.05 0.02 -11.04
N GLY A 287 17.24 -0.97 -10.16
CA GLY A 287 16.39 -2.16 -10.09
C GLY A 287 16.41 -3.01 -11.37
N GLU A 288 17.53 -2.91 -12.10
CA GLU A 288 17.76 -3.62 -13.36
C GLU A 288 18.50 -4.92 -13.11
N GLN A 289 18.96 -5.10 -11.87
CA GLN A 289 19.86 -6.17 -11.48
C GLN A 289 19.68 -6.40 -9.99
N LEU A 290 19.73 -7.67 -9.58
CA LEU A 290 19.72 -8.00 -8.16
C LEU A 290 21.13 -7.96 -7.61
N VAL A 291 21.23 -7.91 -6.29
CA VAL A 291 22.49 -8.11 -5.57
C VAL A 291 22.28 -9.24 -4.57
N CYS A 292 23.21 -10.19 -4.54
CA CYS A 292 23.12 -11.32 -3.62
C CYS A 292 24.31 -11.34 -2.66
N TRP A 293 24.04 -11.80 -1.43
CA TRP A 293 25.07 -12.06 -0.41
C TRP A 293 24.95 -13.50 0.07
N GLN A 294 26.04 -14.02 0.64
CA GLN A 294 26.07 -15.37 1.20
C GLN A 294 25.21 -15.48 2.47
N ALA A 295 24.45 -16.59 2.53
CA ALA A 295 23.66 -17.05 3.70
C ALA A 295 23.68 -16.22 5.00
N GLY A 296 22.65 -15.39 5.17
CA GLY A 296 22.46 -14.58 6.37
C GLY A 296 23.57 -13.60 6.75
N THR A 297 24.36 -13.17 5.77
CA THR A 297 25.45 -12.21 6.02
C THR A 297 25.19 -10.85 5.34
N THR A 298 23.95 -10.36 5.45
CA THR A 298 23.57 -9.06 4.88
C THR A 298 24.17 -7.92 5.71
N PRO A 299 24.91 -7.00 5.06
CA PRO A 299 25.44 -5.84 5.77
C PRO A 299 24.40 -4.71 5.86
N TRP A 300 23.32 -4.94 6.63
CA TRP A 300 22.27 -3.94 6.86
C TRP A 300 22.88 -2.62 7.30
N ASN A 301 23.83 -2.72 8.24
CA ASN A 301 24.55 -1.60 8.84
C ASN A 301 25.29 -0.64 7.88
N ILE A 302 25.61 -1.08 6.67
CA ILE A 302 26.21 -0.17 5.68
C ILE A 302 25.15 0.71 5.00
N PHE A 303 23.90 0.25 4.99
CA PHE A 303 22.80 0.99 4.37
C PHE A 303 22.16 1.99 5.34
N PRO A 304 21.88 3.22 4.86
CA PRO A 304 21.31 4.28 5.71
C PRO A 304 19.82 4.11 5.99
N VAL A 305 19.35 4.76 7.05
CA VAL A 305 17.91 4.94 7.25
C VAL A 305 17.40 6.01 6.31
N ILE A 306 16.10 5.97 6.04
CA ILE A 306 15.46 6.99 5.22
C ILE A 306 14.29 7.55 6.01
N SER A 307 14.18 8.88 5.99
CA SER A 307 13.21 9.61 6.77
C SER A 307 12.40 10.52 5.87
N LEU A 308 11.08 10.38 5.95
CA LEU A 308 10.16 11.32 5.33
C LEU A 308 9.48 12.13 6.42
N TYR A 309 9.56 13.46 6.29
CA TYR A 309 8.80 14.34 7.16
C TYR A 309 7.48 14.64 6.49
N LEU A 310 6.40 14.42 7.22
CA LEU A 310 5.07 14.64 6.70
C LEU A 310 4.47 15.86 7.34
N MET A 311 3.64 16.58 6.58
CA MET A 311 2.86 17.69 7.12
C MET A 311 2.09 17.28 8.38
N GLY A 312 2.15 18.07 9.45
CA GLY A 312 1.44 17.71 10.68
C GLY A 312 0.02 18.23 10.70
N GLU A 313 -0.64 18.09 11.84
CA GLU A 313 -2.02 18.56 12.00
C GLU A 313 -2.14 20.07 12.25
N VAL A 314 -1.09 20.68 12.78
CA VAL A 314 -1.14 22.10 13.10
C VAL A 314 -0.11 22.89 12.31
N THR A 315 -0.39 24.18 12.12
CA THR A 315 0.46 25.12 11.41
C THR A 315 1.91 25.01 11.90
N ASN A 316 2.84 24.92 10.94
CA ASN A 316 4.28 24.85 11.18
C ASN A 316 4.79 23.62 11.95
N GLN A 317 3.94 22.62 12.12
CA GLN A 317 4.32 21.40 12.81
C GLN A 317 4.35 20.21 11.84
N SER A 318 5.42 19.43 11.93
CA SER A 318 5.56 18.22 11.15
C SER A 318 5.94 17.05 12.05
N PHE A 319 6.01 15.86 11.46
CA PHE A 319 6.60 14.70 12.13
C PHE A 319 7.42 13.90 11.12
N ARG A 320 8.17 12.93 11.62
CA ARG A 320 9.13 12.20 10.81
C ARG A 320 8.84 10.71 10.90
N ILE A 321 8.77 10.04 9.74
CA ILE A 321 8.74 8.59 9.70
C ILE A 321 10.08 8.09 9.14
N THR A 322 10.63 7.03 9.73
CA THR A 322 11.95 6.51 9.37
C THR A 322 11.90 5.01 9.10
N ILE A 323 12.40 4.60 7.93
CA ILE A 323 12.45 3.20 7.55
C ILE A 323 13.89 2.72 7.43
N LEU A 324 14.05 1.40 7.52
CA LEU A 324 15.34 0.75 7.52
C LEU A 324 15.61 0.08 6.17
N PRO A 325 16.87 -0.36 5.91
CA PRO A 325 17.14 -1.16 4.71
C PRO A 325 16.30 -2.44 4.65
N GLN A 326 15.94 -2.97 5.82
CA GLN A 326 15.00 -4.08 5.92
C GLN A 326 13.65 -3.82 5.23
N GLN A 327 13.29 -2.54 5.09
CA GLN A 327 12.11 -2.21 4.32
C GLN A 327 12.40 -2.04 2.83
N TYR A 328 13.49 -1.35 2.49
CA TYR A 328 13.74 -0.98 1.09
C TYR A 328 14.61 -1.92 0.26
N LEU A 329 15.31 -2.83 0.94
CA LEU A 329 16.08 -3.88 0.30
C LEU A 329 15.28 -5.17 0.45
N ARG A 330 14.58 -5.56 -0.60
CA ARG A 330 13.59 -6.63 -0.47
C ARG A 330 14.13 -7.97 -0.98
N PRO A 331 13.98 -9.05 -0.19
CA PRO A 331 14.43 -10.39 -0.62
C PRO A 331 13.70 -10.86 -1.87
N VAL A 332 14.46 -11.38 -2.84
CA VAL A 332 13.86 -12.06 -3.98
C VAL A 332 14.16 -13.55 -3.79
N GLU A 333 13.11 -14.29 -3.44
CA GLU A 333 13.24 -15.70 -3.05
C GLU A 333 13.31 -16.65 -4.25
N ASP A 334 12.58 -16.32 -5.32
CA ASP A 334 12.43 -17.19 -6.49
C ASP A 334 13.52 -17.02 -7.58
N VAL A 335 14.78 -17.01 -7.15
CA VAL A 335 15.91 -16.97 -8.08
C VAL A 335 16.49 -18.39 -8.23
N ALA A 336 16.13 -19.07 -9.33
CA ALA A 336 16.59 -20.44 -9.62
C ALA A 336 18.08 -20.52 -9.97
N THR A 337 18.61 -19.45 -10.56
CA THR A 337 19.99 -19.44 -11.06
C THR A 337 21.04 -19.04 -9.99
N SER A 338 20.56 -18.69 -8.79
CA SER A 338 21.43 -18.41 -7.63
C SER A 338 21.08 -19.24 -6.39
N GLN A 339 22.13 -19.64 -5.67
CA GLN A 339 22.02 -20.37 -4.40
C GLN A 339 22.18 -19.45 -3.17
N ASP A 340 22.53 -18.19 -3.43
CA ASP A 340 22.73 -17.14 -2.41
C ASP A 340 21.43 -16.39 -2.02
N ASP A 341 21.56 -15.41 -1.12
CA ASP A 341 20.45 -14.54 -0.68
C ASP A 341 20.40 -13.29 -1.56
N CYS A 342 19.40 -13.22 -2.44
CA CYS A 342 19.29 -12.11 -3.41
C CYS A 342 18.25 -11.06 -3.01
N TYR A 343 18.58 -9.80 -3.29
CA TYR A 343 17.76 -8.64 -2.90
C TYR A 343 17.56 -7.70 -4.08
N LYS A 344 16.39 -7.06 -4.09
CA LYS A 344 16.11 -5.99 -5.02
C LYS A 344 16.05 -4.67 -4.25
N PHE A 345 16.68 -3.64 -4.82
CA PHE A 345 16.57 -2.28 -4.35
C PHE A 345 15.18 -1.81 -4.70
N ALA A 346 14.35 -1.61 -3.68
CA ALA A 346 12.93 -1.32 -3.88
C ALA A 346 12.57 0.16 -3.67
N ILE A 347 13.51 1.02 -4.00
CA ILE A 347 13.23 2.44 -4.18
C ILE A 347 13.41 2.72 -5.65
N SER A 348 12.42 3.34 -6.28
CA SER A 348 12.50 3.53 -7.72
C SER A 348 11.94 4.87 -8.16
N GLN A 349 12.21 5.23 -9.40
CA GLN A 349 11.82 6.52 -9.93
C GLN A 349 10.40 6.48 -10.49
N SER A 350 9.75 7.63 -10.48
CA SER A 350 8.35 7.73 -10.82
C SER A 350 8.01 8.99 -11.60
N SER A 351 7.07 8.86 -12.53
CA SER A 351 6.49 9.98 -13.26
C SER A 351 5.14 10.38 -12.67
N THR A 352 4.66 9.64 -11.69
CA THR A 352 3.31 9.89 -11.13
C THR A 352 3.36 10.49 -9.70
N GLY A 353 4.56 10.88 -9.26
CA GLY A 353 4.75 11.47 -7.93
C GLY A 353 5.33 10.45 -6.97
N THR A 354 5.30 10.77 -5.67
CA THR A 354 5.77 9.83 -4.65
C THR A 354 4.68 8.79 -4.39
N VAL A 355 5.10 7.54 -4.25
CA VAL A 355 4.20 6.47 -3.86
C VAL A 355 4.78 5.77 -2.65
N MET A 356 4.10 5.94 -1.53
CA MET A 356 4.46 5.28 -0.29
C MET A 356 3.79 3.92 -0.30
N GLY A 357 4.49 2.97 -0.90
CA GLY A 357 3.99 1.60 -1.07
C GLY A 357 4.34 0.74 0.11
N ALA A 358 4.36 -0.57 -0.11
CA ALA A 358 4.69 -1.58 0.92
C ALA A 358 6.00 -1.29 1.64
N VAL A 359 6.98 -0.75 0.91
CA VAL A 359 8.28 -0.38 1.50
C VAL A 359 8.10 0.60 2.70
N ILE A 360 7.18 1.54 2.58
CA ILE A 360 6.84 2.45 3.68
C ILE A 360 5.94 1.72 4.68
N MET A 361 4.84 1.16 4.18
CA MET A 361 3.75 0.70 5.04
C MET A 361 4.13 -0.49 5.91
N GLU A 362 5.06 -1.32 5.44
CA GLU A 362 5.59 -2.41 6.27
C GLU A 362 6.31 -1.97 7.55
N GLY A 363 6.77 -0.72 7.57
CA GLY A 363 7.38 -0.13 8.77
C GLY A 363 6.35 0.31 9.81
N PHE A 364 5.10 0.48 9.38
CA PHE A 364 4.12 1.24 10.17
C PHE A 364 2.75 0.64 10.30
N TYR A 365 2.10 0.95 11.41
CA TYR A 365 0.66 0.82 11.52
C TYR A 365 0.07 2.12 10.96
N VAL A 366 -0.77 1.99 9.94
CA VAL A 366 -1.26 3.12 9.17
C VAL A 366 -2.78 3.21 9.30
N VAL A 367 -3.23 4.35 9.83
CA VAL A 367 -4.65 4.60 10.11
C VAL A 367 -5.22 5.56 9.07
N PHE A 368 -6.17 5.09 8.28
CA PHE A 368 -6.79 5.91 7.24
C PHE A 368 -8.05 6.48 7.88
N ASP A 369 -7.89 7.65 8.49
CA ASP A 369 -8.95 8.28 9.28
C ASP A 369 -9.76 9.16 8.36
N ARG A 370 -10.62 8.50 7.59
CA ARG A 370 -11.44 9.17 6.59
C ARG A 370 -12.39 10.21 7.22
N ALA A 371 -12.99 9.86 8.36
CA ALA A 371 -13.88 10.78 9.08
C ALA A 371 -13.19 12.12 9.36
N ARG A 372 -11.91 12.09 9.73
CA ARG A 372 -11.20 13.29 10.10
C ARG A 372 -10.20 13.76 8.99
N LYS A 373 -10.32 13.18 7.78
CA LYS A 373 -9.44 13.53 6.62
C LYS A 373 -7.94 13.54 6.96
N ARG A 374 -7.48 12.45 7.56
CA ARG A 374 -6.10 12.37 8.02
C ARG A 374 -5.61 10.95 8.01
N ILE A 375 -4.29 10.78 8.01
CA ILE A 375 -3.66 9.47 8.02
C ILE A 375 -2.69 9.41 9.18
N GLY A 376 -2.84 8.40 10.03
CA GLY A 376 -1.99 8.23 11.19
C GLY A 376 -0.91 7.22 10.91
N PHE A 377 0.29 7.51 11.39
CA PHE A 377 1.44 6.59 11.32
C PHE A 377 1.92 6.31 12.73
N ALA A 378 2.19 5.04 13.01
CA ALA A 378 2.87 4.62 14.24
C ALA A 378 3.79 3.44 13.96
N VAL A 379 4.85 3.31 14.76
CA VAL A 379 5.77 2.18 14.64
C VAL A 379 4.96 0.87 14.68
N SER A 380 5.10 0.05 13.64
CA SER A 380 4.40 -1.22 13.58
C SER A 380 5.00 -2.23 14.55
N ALA A 381 4.14 -2.88 15.32
CA ALA A 381 4.56 -3.95 16.23
C ALA A 381 5.13 -5.19 15.49
N CYS A 382 4.87 -5.29 14.18
CA CYS A 382 5.36 -6.43 13.40
C CYS A 382 6.48 -6.08 12.41
N HIS A 383 6.96 -4.84 12.39
CA HIS A 383 7.97 -4.48 11.40
C HIS A 383 9.32 -5.19 11.64
N VAL A 384 10.00 -5.51 10.56
CA VAL A 384 11.27 -6.22 10.63
C VAL A 384 12.42 -5.22 10.79
N HIS A 385 13.25 -5.51 11.79
CA HIS A 385 14.35 -4.65 12.21
C HIS A 385 15.50 -5.50 12.76
N ASP A 386 16.58 -4.86 13.21
CA ASP A 386 17.65 -5.56 13.91
C ASP A 386 17.85 -4.99 15.33
N GLU A 387 18.95 -5.37 15.97
CA GLU A 387 19.20 -5.01 17.37
C GLU A 387 19.75 -3.60 17.56
N PHE A 388 20.20 -3.00 16.45
CA PHE A 388 20.78 -1.65 16.45
C PHE A 388 19.82 -0.54 16.03
N ARG A 389 18.91 -0.85 15.11
CA ARG A 389 18.04 0.15 14.51
C ARG A 389 16.60 -0.34 14.41
N THR A 390 15.68 0.59 14.62
CA THR A 390 14.25 0.31 14.52
C THR A 390 13.57 1.38 13.65
N ALA A 391 12.51 1.00 12.93
CA ALA A 391 11.66 2.01 12.28
C ALA A 391 11.12 2.98 13.35
N ALA A 392 10.88 4.22 12.95
CA ALA A 392 10.54 5.25 13.94
C ALA A 392 9.49 6.21 13.43
N VAL A 393 8.69 6.72 14.36
CA VAL A 393 7.75 7.81 14.13
C VAL A 393 7.97 8.80 15.27
N GLU A 394 8.45 10.00 14.90
CA GLU A 394 8.90 10.99 15.88
C GLU A 394 8.36 12.38 15.56
N GLY A 395 8.13 13.17 16.60
CA GLY A 395 7.74 14.58 16.47
C GLY A 395 7.51 15.21 17.83
N PRO A 396 7.14 16.49 17.89
CA PRO A 396 6.89 17.31 16.71
C PRO A 396 8.14 18.02 16.24
N PHE A 397 8.17 18.41 14.96
CA PHE A 397 9.23 19.27 14.47
C PHE A 397 8.63 20.54 13.95
N VAL A 398 9.45 21.58 13.91
CA VAL A 398 9.03 22.87 13.39
C VAL A 398 9.46 22.91 11.92
N THR A 399 8.47 22.97 11.03
CA THR A 399 8.71 23.08 9.60
C THR A 399 7.85 24.20 9.04
N LEU A 400 8.51 25.16 8.39
CA LEU A 400 7.87 26.34 7.83
C LEU A 400 7.58 26.12 6.33
N ASP A 401 6.55 26.79 5.82
CA ASP A 401 6.20 26.83 4.39
C ASP A 401 5.78 25.46 3.82
N MET A 402 5.09 24.68 4.65
CA MET A 402 4.74 23.31 4.31
C MET A 402 3.68 23.26 3.21
N GLU A 403 2.84 24.30 3.15
CA GLU A 403 1.84 24.44 2.08
C GLU A 403 2.48 24.60 0.71
N ASP A 404 3.59 25.34 0.65
CA ASP A 404 4.35 25.54 -0.59
C ASP A 404 4.90 24.21 -1.14
N CYS A 405 4.91 23.16 -0.31
CA CYS A 405 5.40 21.83 -0.72
C CYS A 405 4.41 21.09 -1.60
N GLY A 406 3.12 21.43 -1.50
CA GLY A 406 2.08 20.86 -2.34
C GLY A 406 2.18 21.35 -3.77
N TYR A 407 1.92 20.47 -4.74
CA TYR A 407 1.95 20.85 -6.14
C TYR A 407 0.57 21.24 -6.62
N ASN A 408 0.53 22.36 -7.36
CA ASN A 408 -0.62 22.79 -8.19
C ASN A 408 -0.17 22.97 -9.63
I IOD B . -9.91 -12.34 -17.26
I IOD C . -2.35 -12.17 -18.57
C1 GOL D . -15.02 -20.85 -9.34
O1 GOL D . -14.88 -20.34 -8.02
C2 GOL D . -15.09 -22.37 -9.27
O2 GOL D . -13.80 -22.90 -9.63
C3 GOL D . -16.16 -22.82 -10.26
O3 GOL D . -16.29 -24.25 -10.28
C1 GOL E . -4.77 4.83 -11.35
O1 GOL E . -3.51 4.79 -10.67
C2 GOL E . -5.65 3.67 -10.89
O2 GOL E . -5.96 3.83 -9.49
C3 GOL E . -6.94 3.70 -11.70
O3 GOL E . -7.24 2.41 -12.23
C1 GOL F . -20.09 -12.48 7.83
O1 GOL F . -19.43 -12.91 6.63
C2 GOL F . -19.09 -12.47 8.98
O2 GOL F . -18.72 -11.11 9.30
C3 GOL F . -19.63 -13.19 10.21
O3 GOL F . -18.76 -13.02 11.34
C1 GOL G . -0.39 3.53 22.92
O1 GOL G . -1.81 3.35 22.72
C2 GOL G . 0.39 2.23 22.71
O2 GOL G . 1.53 2.49 21.87
C3 GOL G . -0.43 1.14 22.02
O3 GOL G . 0.40 0.01 21.67
C1 GOL H . -29.20 -13.45 -11.73
O1 GOL H . -27.88 -13.96 -11.49
C2 GOL H . -29.92 -13.36 -10.39
O2 GOL H . -29.84 -12.00 -9.94
C3 GOL H . -31.39 -13.81 -10.48
O3 GOL H . -31.52 -15.16 -9.99
S DMS I . -25.18 0.75 -3.40
O DMS I . -24.10 0.24 -4.28
C1 DMS I . -25.51 2.36 -3.89
C2 DMS I . -26.66 -0.01 -3.77
F4 0B5 J . -3.75 -3.56 -11.22
C18 0B5 J . -3.00 -3.85 -10.15
C7 0B5 J . -2.90 -2.88 -9.01
C1 0B5 J . -3.60 -1.52 -9.00
N1 0B5 J . -3.42 -0.83 -7.72
C6 0B5 J . -2.48 0.00 -7.48
N 0B5 J . -2.39 0.65 -6.31
O 0B5 J . -1.44 0.29 -8.43
C3 0B5 J . -1.57 -0.23 -9.76
C4 0B5 J . -0.82 0.69 -10.74
F1 0B5 J . -0.91 0.15 -11.95
F2 0B5 J . 0.45 0.72 -10.36
C5 0B5 J . -1.32 2.14 -10.76
C2 0B5 J . -2.99 -0.66 -10.12
F 0B5 J . -3.77 0.45 -10.25
C 0B5 J . -5.08 -1.71 -9.26
C17 0B5 J . -2.32 -5.06 -10.11
C16 0B5 J . -1.54 -5.36 -8.99
C9 0B5 J . -1.40 -4.47 -7.92
C8 0B5 J . -2.08 -3.26 -7.95
N2 0B5 J . -0.65 -4.73 -6.81
C10 0B5 J . 0.18 -5.73 -6.56
O2 0B5 J . 0.29 -6.72 -7.26
C11 0B5 J . 1.02 -5.64 -5.31
C15 0B5 J . 2.14 -6.49 -5.12
N4 0B5 J . 2.85 -6.36 -3.99
C13 0B5 J . 2.53 -5.41 -3.05
C12 0B5 J . 1.43 -4.57 -3.25
N3 0B5 J . 0.70 -4.71 -4.36
O1 0B5 J . 3.24 -5.24 -1.89
C14 0B5 J . 4.28 -6.14 -1.51
F3 0B5 J . 3.75 -7.37 -1.19
#